data_4WQL
#
_entry.id   4WQL
#
_cell.length_a   45.460
_cell.length_b   42.010
_cell.length_c   47.810
_cell.angle_alpha   90.00
_cell.angle_beta   105.25
_cell.angle_gamma   90.00
#
_symmetry.space_group_name_H-M   'P 1 21 1'
#
loop_
_entity.id
_entity.type
_entity.pdbx_description
1 polymer "2''-aminoglycoside nucleotidyltransferase"
2 non-polymer 'MAGNESIUM ION'
3 non-polymer 'KANAMYCIN A'
4 non-polymer 'ISOPROPYL ALCOHOL'
5 non-polymer GLYCEROL
6 water water
#
_entity_poly.entity_id   1
_entity_poly.type   'polypeptide(L)'
_entity_poly.pdbx_seq_one_letter_code
;GMDTTQVTLIHKILAAADERNLPLWIGGGWAIDARLGRVTRKHDDIDLTFPGERRGELEAIVEMLGGRVMEELDYGFLAE
IGDELLDCEPAWWADEAYEIAEAPQGSCPEAAEGVIAGRPVRCNSWEAIIWDYFYYADEVPPVDWPTKHIESYRLACTSL
GAEKVEVLRAAFRSRYAA
;
_entity_poly.pdbx_strand_id   A
#
# COMPACT_ATOMS: atom_id res chain seq x y z
N THR A 4 -17.19 -7.16 -7.92
CA THR A 4 -17.01 -6.37 -6.70
C THR A 4 -16.25 -7.12 -5.57
N THR A 5 -15.73 -8.30 -5.82
CA THR A 5 -15.16 -9.11 -4.72
C THR A 5 -14.07 -8.43 -3.91
N GLN A 6 -13.09 -7.82 -4.56
CA GLN A 6 -12.03 -7.19 -3.83
C GLN A 6 -12.54 -5.99 -3.04
N VAL A 7 -13.46 -5.20 -3.62
CA VAL A 7 -13.95 -4.05 -2.87
C VAL A 7 -14.70 -4.53 -1.59
N THR A 8 -15.52 -5.57 -1.76
CA THR A 8 -16.29 -6.10 -0.65
C THR A 8 -15.34 -6.61 0.43
N LEU A 9 -14.25 -7.27 0.00
CA LEU A 9 -13.25 -7.74 0.98
C LEU A 9 -12.54 -6.62 1.68
N ILE A 10 -12.15 -5.61 0.92
CA ILE A 10 -11.51 -4.44 1.54
C ILE A 10 -12.45 -3.85 2.59
N HIS A 11 -13.72 -3.65 2.21
CA HIS A 11 -14.64 -3.09 3.22
C HIS A 11 -14.76 -4.01 4.46
N LYS A 12 -14.81 -5.32 4.24
CA LYS A 12 -14.90 -6.25 5.40
C LYS A 12 -13.70 -6.17 6.32
N ILE A 13 -12.50 -6.10 5.71
CA ILE A 13 -11.23 -6.07 6.45
C ILE A 13 -11.18 -4.75 7.26
N LEU A 14 -11.56 -3.65 6.61
CA LEU A 14 -11.46 -2.37 7.31
C LEU A 14 -12.56 -2.22 8.36
N ALA A 15 -13.71 -2.85 8.18
CA ALA A 15 -14.74 -2.79 9.21
C ALA A 15 -14.28 -3.55 10.49
N ALA A 16 -13.70 -4.71 10.26
CA ALA A 16 -13.13 -5.48 11.37
C ALA A 16 -11.99 -4.71 12.06
N ALA A 17 -11.12 -4.06 11.29
CA ALA A 17 -10.04 -3.26 11.88
C ALA A 17 -10.59 -2.07 12.69
N ASP A 18 -11.57 -1.36 12.12
CA ASP A 18 -12.19 -0.25 12.84
C ASP A 18 -12.74 -0.70 14.17
N GLU A 19 -13.38 -1.88 14.20
CA GLU A 19 -14.01 -2.34 15.42
C GLU A 19 -12.95 -2.58 16.51
N ARG A 20 -11.74 -2.90 16.08
CA ARG A 20 -10.63 -3.11 17.00
C ARG A 20 -9.78 -1.85 17.23
N ASN A 21 -10.22 -0.71 16.67
CA ASN A 21 -9.40 0.52 16.70
C ASN A 21 -7.97 0.22 16.19
N LEU A 22 -7.90 -0.54 15.10
CA LEU A 22 -6.64 -0.98 14.48
C LEU A 22 -6.57 -0.21 13.16
N PRO A 23 -5.65 0.75 13.04
CA PRO A 23 -5.54 1.47 11.75
C PRO A 23 -4.83 0.56 10.73
N LEU A 24 -5.28 0.62 9.48
CA LEU A 24 -4.65 -0.12 8.38
C LEU A 24 -4.63 0.81 7.21
N TRP A 25 -3.58 0.74 6.41
CA TRP A 25 -3.46 1.65 5.26
C TRP A 25 -3.50 0.80 4.01
N ILE A 26 -4.41 1.15 3.09
CA ILE A 26 -4.35 0.55 1.75
C ILE A 26 -3.09 0.99 1.05
N GLY A 27 -2.37 0.06 0.37
CA GLY A 27 -1.10 0.39 -0.27
C GLY A 27 -1.22 0.08 -1.77
N GLY A 28 -0.14 0.33 -2.47
CA GLY A 28 0.02 -0.14 -3.85
C GLY A 28 -1.09 0.31 -4.78
N GLY A 29 -1.49 -0.56 -5.72
CA GLY A 29 -2.44 -0.17 -6.74
C GLY A 29 -3.72 0.37 -6.20
N TRP A 30 -4.25 -0.30 -5.18
CA TRP A 30 -5.54 0.13 -4.62
C TRP A 30 -5.38 1.47 -3.90
N ALA A 31 -4.17 1.78 -3.43
CA ALA A 31 -3.99 3.08 -2.77
C ALA A 31 -4.04 4.20 -3.79
N ILE A 32 -3.49 3.93 -4.96
CA ILE A 32 -3.57 4.91 -6.03
C ILE A 32 -5.07 5.18 -6.30
N ASP A 33 -5.82 4.11 -6.50
CA ASP A 33 -7.26 4.29 -6.83
C ASP A 33 -8.00 4.93 -5.67
N ALA A 34 -7.62 4.60 -4.45
CA ALA A 34 -8.30 5.23 -3.29
C ALA A 34 -8.05 6.75 -3.25
N ARG A 35 -6.78 7.16 -3.41
CA ARG A 35 -6.51 8.61 -3.46
C ARG A 35 -7.20 9.30 -4.61
N LEU A 36 -7.29 8.63 -5.76
CA LEU A 36 -7.98 9.24 -6.90
C LEU A 36 -9.50 9.28 -6.69
N GLY A 37 -10.01 8.34 -5.88
CA GLY A 37 -11.46 8.26 -5.66
C GLY A 37 -12.16 7.60 -6.84
N ARG A 38 -11.42 6.82 -7.63
CA ARG A 38 -11.98 6.15 -8.80
C ARG A 38 -11.34 4.80 -8.91
N VAL A 39 -12.09 3.79 -9.34
CA VAL A 39 -11.47 2.49 -9.64
C VAL A 39 -10.96 2.54 -11.10
N THR A 40 -9.66 2.33 -11.36
CA THR A 40 -9.08 2.65 -12.68
C THR A 40 -8.62 1.43 -13.41
N ARG A 41 -8.56 0.32 -12.71
CA ARG A 41 -8.15 -0.92 -13.35
C ARG A 41 -8.53 -2.12 -12.49
N LYS A 42 -8.31 -3.32 -13.02
CA LYS A 42 -8.30 -4.55 -12.23
C LYS A 42 -6.99 -4.66 -11.45
N HIS A 43 -7.07 -5.06 -10.17
CA HIS A 43 -5.91 -5.18 -9.31
C HIS A 43 -5.60 -6.62 -9.04
N ASP A 44 -4.32 -6.98 -9.06
CA ASP A 44 -3.92 -8.35 -8.82
C ASP A 44 -4.10 -8.82 -7.38
N ASP A 45 -4.00 -7.89 -6.45
CA ASP A 45 -4.14 -8.21 -5.04
C ASP A 45 -4.45 -6.96 -4.28
N ILE A 46 -4.62 -7.10 -2.97
CA ILE A 46 -4.83 -5.98 -2.10
C ILE A 46 -3.60 -5.77 -1.22
N ASP A 47 -2.94 -4.63 -1.36
CA ASP A 47 -1.78 -4.32 -0.48
C ASP A 47 -2.24 -3.59 0.76
N LEU A 48 -1.73 -4.04 1.93
CA LEU A 48 -2.08 -3.43 3.22
C LEU A 48 -0.81 -3.13 3.97
N THR A 49 -0.84 -2.00 4.68
CA THR A 49 0.22 -1.65 5.61
C THR A 49 -0.36 -1.68 7.02
N PHE A 50 0.29 -2.38 7.95
CA PHE A 50 -0.35 -2.58 9.28
C PHE A 50 0.66 -2.21 10.39
N PRO A 51 0.15 -1.85 11.58
CA PRO A 51 1.06 -1.62 12.72
C PRO A 51 1.81 -2.91 13.08
N GLY A 52 3.13 -2.87 12.98
CA GLY A 52 3.94 -4.06 13.07
C GLY A 52 3.74 -4.76 14.40
N GLU A 53 3.52 -3.99 15.45
CA GLU A 53 3.44 -4.57 16.82
C GLU A 53 2.05 -5.10 17.08
N ARG A 54 1.12 -4.85 16.14
CA ARG A 54 -0.22 -5.41 16.25
C ARG A 54 -0.51 -6.44 15.19
N ARG A 55 0.53 -7.11 14.71
CA ARG A 55 0.32 -8.06 13.62
C ARG A 55 -0.72 -9.16 13.95
N GLY A 56 -0.68 -9.64 15.19
CA GLY A 56 -1.59 -10.69 15.62
C GLY A 56 -3.05 -10.32 15.39
N GLU A 57 -3.36 -9.03 15.48
CA GLU A 57 -4.76 -8.56 15.33
C GLU A 57 -5.17 -8.59 13.87
N LEU A 58 -4.23 -8.23 12.98
CA LEU A 58 -4.52 -8.43 11.55
C LEU A 58 -4.68 -9.92 11.19
N GLU A 59 -3.79 -10.79 11.67
CA GLU A 59 -3.95 -12.20 11.37
C GLU A 59 -5.31 -12.71 11.88
N ALA A 60 -5.76 -12.17 13.01
CA ALA A 60 -7.04 -12.63 13.56
C ALA A 60 -8.21 -12.21 12.63
N ILE A 61 -8.08 -11.02 12.07
CA ILE A 61 -9.08 -10.53 11.11
C ILE A 61 -9.10 -11.48 9.90
N VAL A 62 -7.89 -11.82 9.43
CA VAL A 62 -7.78 -12.70 8.29
C VAL A 62 -8.46 -14.04 8.60
N GLU A 63 -8.12 -14.61 9.77
CA GLU A 63 -8.66 -15.91 10.08
C GLU A 63 -10.18 -15.85 10.22
N MET A 64 -10.65 -14.77 10.85
CA MET A 64 -12.06 -14.63 11.09
C MET A 64 -12.85 -14.53 9.79
N LEU A 65 -12.23 -14.02 8.74
CA LEU A 65 -12.83 -13.98 7.39
C LEU A 65 -12.61 -15.27 6.63
N GLY A 66 -12.04 -16.27 7.29
CA GLY A 66 -11.90 -17.60 6.69
C GLY A 66 -10.59 -17.79 5.91
N GLY A 67 -9.67 -16.82 6.05
CA GLY A 67 -8.43 -16.86 5.31
C GLY A 67 -7.27 -17.40 6.11
N ARG A 68 -6.08 -17.39 5.52
CA ARG A 68 -4.88 -17.84 6.22
C ARG A 68 -3.65 -17.13 5.69
N VAL A 69 -2.61 -17.08 6.51
CA VAL A 69 -1.33 -16.54 6.13
C VAL A 69 -0.70 -17.59 5.24
N MET A 70 -0.33 -17.18 4.04
CA MET A 70 0.18 -18.14 3.04
C MET A 70 1.68 -18.15 2.81
N GLU A 71 2.34 -17.02 3.00
CA GLU A 71 3.75 -16.96 2.67
C GLU A 71 4.35 -15.85 3.51
N GLU A 72 5.54 -16.12 4.03
CA GLU A 72 6.24 -15.17 4.85
C GLU A 72 7.38 -14.59 4.03
N LEU A 73 7.44 -13.26 3.96
CA LEU A 73 8.42 -12.59 3.10
C LEU A 73 9.45 -11.82 3.94
N ASP A 74 10.53 -11.36 3.32
CA ASP A 74 11.51 -10.55 4.07
C ASP A 74 10.84 -9.24 4.59
N TYR A 75 9.90 -8.64 3.83
CA TYR A 75 9.28 -7.35 4.17
C TYR A 75 7.89 -7.42 4.87
N GLY A 76 7.30 -8.61 5.05
CA GLY A 76 5.89 -8.74 5.44
C GLY A 76 5.38 -10.13 5.13
N PHE A 77 4.08 -10.28 4.86
CA PHE A 77 3.53 -11.62 4.60
C PHE A 77 2.41 -11.56 3.59
N LEU A 78 2.13 -12.68 2.93
CA LEU A 78 0.98 -12.77 2.00
C LEU A 78 -0.09 -13.59 2.67
N ALA A 79 -1.36 -13.17 2.64
CA ALA A 79 -2.45 -14.00 3.14
C ALA A 79 -3.45 -14.19 2.01
N GLU A 80 -4.22 -15.26 2.09
CA GLU A 80 -5.26 -15.57 1.09
C GLU A 80 -6.63 -15.56 1.80
N ILE A 81 -7.61 -14.94 1.19
CA ILE A 81 -8.97 -15.07 1.69
C ILE A 81 -9.77 -15.44 0.43
N GLY A 82 -10.25 -16.68 0.42
CA GLY A 82 -10.85 -17.25 -0.77
C GLY A 82 -9.89 -17.17 -1.96
N ASP A 83 -10.32 -16.55 -3.04
CA ASP A 83 -9.44 -16.47 -4.20
C ASP A 83 -8.61 -15.20 -4.22
N GLU A 84 -8.68 -14.41 -3.14
CA GLU A 84 -8.00 -13.12 -3.15
C GLU A 84 -6.75 -13.12 -2.28
N LEU A 85 -5.80 -12.32 -2.70
CA LEU A 85 -4.46 -12.23 -2.07
C LEU A 85 -4.31 -10.90 -1.36
N LEU A 86 -3.81 -10.93 -0.13
CA LEU A 86 -3.47 -9.72 0.63
C LEU A 86 -1.97 -9.63 0.81
N ASP A 87 -1.40 -8.49 0.41
CA ASP A 87 0.03 -8.35 0.42
C ASP A 87 0.37 -7.39 1.57
N CYS A 88 0.88 -7.93 2.71
CA CYS A 88 0.85 -7.14 3.94
C CYS A 88 2.24 -6.72 4.39
N GLU A 89 2.44 -5.43 4.69
CA GLU A 89 3.73 -4.96 5.12
C GLU A 89 3.59 -4.17 6.43
N PRO A 90 4.45 -4.44 7.41
CA PRO A 90 4.39 -3.66 8.66
C PRO A 90 4.92 -2.20 8.58
N ALA A 91 4.38 -1.33 9.46
CA ALA A 91 4.93 0.00 9.71
C ALA A 91 5.11 0.10 11.18
N TRP A 92 6.06 0.95 11.57
CA TRP A 92 6.50 0.94 12.97
C TRP A 92 6.36 2.34 13.51
N TRP A 93 5.92 2.44 14.78
CA TRP A 93 5.70 3.76 15.40
C TRP A 93 6.99 4.56 15.51
N ALA A 94 6.96 5.78 14.96
CA ALA A 94 8.11 6.70 14.99
C ALA A 94 7.66 8.05 15.64
N ASP A 95 7.32 7.95 16.92
CA ASP A 95 6.93 9.05 17.85
C ASP A 95 5.61 9.69 17.55
N GLU A 96 5.36 10.05 16.28
CA GLU A 96 4.13 10.84 15.94
C GLU A 96 3.29 10.19 14.84
N ALA A 97 3.83 9.14 14.27
CA ALA A 97 3.12 8.36 13.24
C ALA A 97 3.77 6.98 13.04
N TYR A 98 3.01 6.05 12.44
CA TYR A 98 3.58 4.82 11.91
C TYR A 98 4.36 5.11 10.61
N GLU A 99 5.50 4.43 10.44
CA GLU A 99 6.28 4.57 9.21
C GLU A 99 6.76 3.21 8.65
N ILE A 100 6.59 3.05 7.34
CA ILE A 100 7.24 1.92 6.63
C ILE A 100 8.75 2.07 6.68
N ALA A 101 9.48 0.99 7.06
CA ALA A 101 10.91 1.08 7.15
C ALA A 101 11.49 1.56 5.82
N GLU A 102 12.43 2.49 5.94
CA GLU A 102 13.24 3.03 4.83
C GLU A 102 12.40 3.95 3.88
N ALA A 103 11.13 4.17 4.17
CA ALA A 103 10.33 5.01 3.29
C ALA A 103 10.41 6.51 3.68
N PRO A 104 9.97 7.40 2.76
CA PRO A 104 9.93 8.82 3.13
C PRO A 104 8.93 9.07 4.27
N GLN A 105 9.28 10.03 5.12
CA GLN A 105 8.43 10.41 6.24
C GLN A 105 6.98 10.70 5.75
N GLY A 106 5.96 10.34 6.55
CA GLY A 106 4.58 10.63 6.21
C GLY A 106 3.95 9.45 5.41
N SER A 107 4.60 8.30 5.43
CA SER A 107 4.16 7.17 4.61
C SER A 107 2.78 6.63 5.00
N CYS A 108 2.38 6.84 6.28
CA CYS A 108 1.12 6.32 6.80
C CYS A 108 0.35 7.46 7.48
N PRO A 109 -0.22 8.37 6.68
CA PRO A 109 -0.95 9.52 7.24
C PRO A 109 -2.15 9.14 8.17
N GLU A 110 -2.37 9.89 9.28
CA GLU A 110 -3.44 9.55 10.24
CA GLU A 110 -3.45 9.56 10.23
C GLU A 110 -4.83 9.65 9.59
N ALA A 111 -5.03 10.62 8.72
CA ALA A 111 -6.38 10.85 8.23
C ALA A 111 -6.75 9.92 7.07
N ALA A 112 -8.04 9.64 6.96
CA ALA A 112 -8.45 8.86 5.81
C ALA A 112 -8.43 9.75 4.59
N GLU A 113 -7.45 9.52 3.69
CA GLU A 113 -7.20 10.40 2.54
C GLU A 113 -7.69 9.79 1.23
N GLY A 114 -8.33 8.64 1.28
CA GLY A 114 -8.82 8.10 0.02
C GLY A 114 -10.25 7.64 0.21
N VAL A 115 -10.87 7.25 -0.90
CA VAL A 115 -12.26 6.72 -0.86
C VAL A 115 -12.35 5.54 -1.78
N ILE A 116 -12.94 4.45 -1.28
CA ILE A 116 -13.21 3.25 -2.12
C ILE A 116 -14.72 2.93 -2.03
N ALA A 117 -15.45 3.08 -3.14
CA ALA A 117 -16.90 2.79 -3.16
C ALA A 117 -17.61 3.48 -1.99
N GLY A 118 -17.36 4.80 -1.88
CA GLY A 118 -18.11 5.59 -0.93
C GLY A 118 -17.52 5.57 0.48
N ARG A 119 -16.54 4.68 0.74
CA ARG A 119 -16.01 4.52 2.12
C ARG A 119 -14.67 5.25 2.24
N PRO A 120 -14.56 6.13 3.21
CA PRO A 120 -13.24 6.74 3.40
C PRO A 120 -12.26 5.71 3.91
N VAL A 121 -11.03 5.80 3.43
CA VAL A 121 -10.01 4.80 3.82
C VAL A 121 -8.66 5.49 4.05
N ARG A 122 -7.95 5.02 5.07
CA ARG A 122 -6.52 5.37 5.17
C ARG A 122 -5.75 4.72 4.01
N CYS A 123 -4.77 5.43 3.49
CA CYS A 123 -3.98 4.87 2.40
C CYS A 123 -2.60 5.48 2.47
N ASN A 124 -1.59 4.74 2.01
CA ASN A 124 -0.24 5.25 2.07
C ASN A 124 -0.10 6.49 1.22
N SER A 125 0.86 7.32 1.56
CA SER A 125 1.05 8.58 0.83
C SER A 125 1.50 8.36 -0.64
N TRP A 126 1.28 9.35 -1.50
CA TRP A 126 1.83 9.24 -2.86
C TRP A 126 3.31 8.96 -2.84
N GLU A 127 4.06 9.64 -1.93
CA GLU A 127 5.54 9.43 -1.94
C GLU A 127 5.88 8.02 -1.61
N ALA A 128 5.10 7.43 -0.68
CA ALA A 128 5.37 6.03 -0.27
C ALA A 128 5.06 5.08 -1.44
N ILE A 129 3.94 5.36 -2.10
CA ILE A 129 3.54 4.57 -3.27
C ILE A 129 4.62 4.60 -4.35
N ILE A 130 5.05 5.82 -4.67
CA ILE A 130 6.02 5.97 -5.75
C ILE A 130 7.39 5.37 -5.38
N TRP A 131 7.78 5.59 -4.11
CA TRP A 131 9.05 5.03 -3.59
C TRP A 131 9.21 3.55 -3.92
N ASP A 132 8.13 2.80 -3.81
CA ASP A 132 8.25 1.37 -4.08
C ASP A 132 8.52 1.02 -5.50
N TYR A 133 8.08 1.86 -6.45
CA TYR A 133 8.49 1.65 -7.83
C TYR A 133 9.98 1.81 -8.02
N PHE A 134 10.63 2.61 -7.17
CA PHE A 134 12.06 2.79 -7.32
C PHE A 134 12.79 1.54 -7.01
N TYR A 135 12.32 0.84 -5.97
CA TYR A 135 12.91 -0.47 -5.67
C TYR A 135 12.72 -1.42 -6.85
N TYR A 136 11.48 -1.44 -7.33
CA TYR A 136 11.15 -2.26 -8.51
C TYR A 136 12.04 -1.94 -9.71
N ALA A 137 12.36 -0.67 -9.94
CA ALA A 137 13.22 -0.33 -11.07
C ALA A 137 14.64 -0.89 -10.88
N ASP A 138 15.09 -1.04 -9.64
CA ASP A 138 16.37 -1.72 -9.41
C ASP A 138 16.27 -3.23 -9.66
N GLU A 139 15.09 -3.81 -9.53
CA GLU A 139 14.98 -5.24 -9.67
C GLU A 139 14.74 -5.62 -11.15
N VAL A 140 13.96 -4.82 -11.85
CA VAL A 140 13.57 -5.09 -13.22
C VAL A 140 13.67 -3.78 -13.98
N PRO A 141 14.57 -3.74 -14.99
CA PRO A 141 14.72 -2.56 -15.86
C PRO A 141 13.35 -2.04 -16.25
N PRO A 142 13.05 -0.76 -15.99
CA PRO A 142 11.73 -0.21 -16.37
C PRO A 142 11.33 -0.46 -17.82
N VAL A 143 12.30 -0.50 -18.71
CA VAL A 143 12.01 -0.75 -20.12
C VAL A 143 11.34 -2.10 -20.28
N ASP A 144 11.61 -2.99 -19.32
CA ASP A 144 11.11 -4.34 -19.33
C ASP A 144 9.84 -4.54 -18.49
N TRP A 145 9.31 -3.49 -17.87
CA TRP A 145 8.14 -3.66 -17.02
C TRP A 145 6.87 -4.06 -17.81
N PRO A 146 6.04 -4.92 -17.20
CA PRO A 146 4.64 -5.07 -17.68
C PRO A 146 3.97 -3.69 -17.74
N THR A 147 3.27 -3.47 -18.83
CA THR A 147 2.63 -2.21 -19.10
C THR A 147 1.75 -1.72 -17.94
N LYS A 148 1.11 -2.64 -17.20
CA LYS A 148 0.19 -2.17 -16.13
C LYS A 148 0.98 -1.43 -15.06
N HIS A 149 2.24 -1.82 -14.86
CA HIS A 149 3.09 -1.08 -13.89
C HIS A 149 3.65 0.22 -14.40
N ILE A 150 3.96 0.27 -15.69
CA ILE A 150 4.36 1.53 -16.33
C ILE A 150 3.16 2.51 -16.17
N GLU A 151 1.95 2.04 -16.48
CA GLU A 151 0.76 2.92 -16.45
C GLU A 151 0.45 3.37 -15.01
N SER A 152 0.55 2.46 -14.03
CA SER A 152 0.22 2.82 -12.63
CA SER A 152 0.21 2.83 -12.65
C SER A 152 1.26 3.80 -12.11
N TYR A 153 2.54 3.54 -12.40
CA TYR A 153 3.57 4.50 -12.03
C TYR A 153 3.31 5.92 -12.62
N ARG A 154 3.03 5.97 -13.92
CA ARG A 154 2.82 7.26 -14.57
C ARG A 154 1.60 7.99 -14.00
N LEU A 155 0.59 7.23 -13.62
CA LEU A 155 -0.62 7.83 -13.02
C LEU A 155 -0.26 8.39 -11.63
N ALA A 156 0.50 7.62 -10.85
CA ALA A 156 0.89 8.15 -9.56
C ALA A 156 1.77 9.44 -9.73
N CYS A 157 2.65 9.41 -10.72
CA CYS A 157 3.56 10.55 -10.95
CA CYS A 157 3.56 10.53 -10.99
C CYS A 157 2.78 11.79 -11.40
N THR A 158 1.78 11.61 -12.23
CA THR A 158 0.94 12.73 -12.65
C THR A 158 0.20 13.36 -11.47
N SER A 159 -0.22 12.47 -10.56
CA SER A 159 -0.98 12.94 -9.40
C SER A 159 -0.09 13.69 -8.42
N LEU A 160 1.11 13.17 -8.14
CA LEU A 160 1.99 13.89 -7.22
C LEU A 160 2.64 15.08 -7.92
N GLY A 161 3.01 14.88 -9.19
CA GLY A 161 3.57 16.00 -9.97
C GLY A 161 5.02 15.70 -10.34
N ALA A 162 5.40 16.00 -11.58
CA ALA A 162 6.73 15.60 -12.09
C ALA A 162 7.88 16.14 -11.24
N GLU A 163 7.77 17.40 -10.80
CA GLU A 163 8.81 18.05 -10.01
C GLU A 163 9.10 17.30 -8.73
N LYS A 164 8.05 17.00 -7.99
CA LYS A 164 8.22 16.26 -6.73
C LYS A 164 8.77 14.87 -7.01
N VAL A 165 8.26 14.19 -8.05
CA VAL A 165 8.80 12.88 -8.36
C VAL A 165 10.32 12.89 -8.71
N GLU A 166 10.78 13.89 -9.46
CA GLU A 166 12.19 13.99 -9.87
C GLU A 166 13.02 14.12 -8.60
N VAL A 167 12.53 14.92 -7.65
CA VAL A 167 13.26 15.12 -6.38
C VAL A 167 13.33 13.84 -5.56
N LEU A 168 12.19 13.16 -5.46
CA LEU A 168 12.13 11.92 -4.69
C LEU A 168 13.01 10.83 -5.29
N ARG A 169 13.01 10.72 -6.61
CA ARG A 169 13.89 9.77 -7.29
C ARG A 169 15.36 10.05 -7.00
N ALA A 170 15.71 11.32 -7.01
CA ALA A 170 17.09 11.69 -6.74
C ALA A 170 17.45 11.31 -5.30
N ALA A 171 16.48 11.48 -4.40
CA ALA A 171 16.76 11.15 -2.98
C ALA A 171 16.98 9.65 -2.82
N PHE A 172 16.19 8.87 -3.56
CA PHE A 172 16.27 7.41 -3.50
C PHE A 172 17.65 7.01 -4.01
N ARG A 173 18.05 7.61 -5.15
CA ARG A 173 19.35 7.28 -5.72
C ARG A 173 20.46 7.62 -4.71
N SER A 174 20.36 8.78 -4.06
CA SER A 174 21.41 9.16 -3.09
C SER A 174 21.43 8.20 -1.87
N ARG A 175 20.23 7.85 -1.40
CA ARG A 175 20.08 6.94 -0.27
C ARG A 175 20.82 5.64 -0.54
N TYR A 176 20.66 5.12 -1.76
CA TYR A 176 21.14 3.76 -2.04
C TYR A 176 22.37 3.77 -2.94
N ALA A 177 22.99 4.94 -3.07
CA ALA A 177 24.26 5.06 -3.81
C ALA A 177 25.45 4.39 -3.08
N ALA A 178 26.33 3.75 -3.86
CA ALA A 178 27.51 3.07 -3.32
C ALA A 178 28.65 4.05 -3.01
#